data_2V3S
#
_entry.id   2V3S
#
_cell.length_a   31.469
_cell.length_b   52.754
_cell.length_c   59.271
_cell.angle_alpha   90.00
_cell.angle_beta   103.23
_cell.angle_gamma   90.00
#
_symmetry.space_group_name_H-M   'P 1 21 1'
#
loop_
_entity.id
_entity.type
_entity.pdbx_description
1 polymer 'SERINE/THREONINE-PROTEIN KINASE OSR1'
2 polymer 'SERINE/THREONINE-PROTEIN KINASE WNK4'
3 non-polymer 'ACETATE ION'
4 water water
#
loop_
_entity_poly.entity_id
_entity_poly.type
_entity_poly.pdbx_seq_one_letter_code
_entity_poly.pdbx_strand_id
1 'polypeptide(L)'
;GPISLVLRLRNSKKELNDIRFEFTPGRDTAEGVSQELISAGLVDGRDLVIVAANLQKIVEEPQSNRSVTFKLASGVEGSD
IPDDGKLIGFAQLSIS
;
A,B
2 'polypeptide(L)' GRFQVT C,D
#
# COMPACT_ATOMS: atom_id res chain seq x y z
N GLY A 1 10.16 3.61 19.29
CA GLY A 1 10.03 2.16 19.61
C GLY A 1 11.05 1.67 20.63
N PRO A 2 10.90 0.41 21.08
CA PRO A 2 9.89 -0.59 20.66
C PRO A 2 8.45 -0.16 20.98
N ILE A 3 7.52 -0.68 20.19
CA ILE A 3 6.11 -0.27 20.24
C ILE A 3 5.32 -1.50 20.69
N SER A 4 4.45 -1.33 21.70
CA SER A 4 3.67 -2.46 22.18
C SER A 4 2.35 -2.40 21.43
N LEU A 5 2.08 -3.42 20.62
CA LEU A 5 0.91 -3.40 19.77
C LEU A 5 -0.04 -4.51 20.14
N VAL A 6 -1.29 -4.34 19.69
CA VAL A 6 -2.31 -5.38 19.80
C VAL A 6 -3.05 -5.51 18.48
N LEU A 7 -3.12 -6.75 17.99
CA LEU A 7 -3.96 -7.07 16.86
C LEU A 7 -5.21 -7.76 17.43
N ARG A 8 -6.35 -7.13 17.18
CA ARG A 8 -7.64 -7.65 17.63
C ARG A 8 -8.44 -8.17 16.44
N LEU A 9 -8.78 -9.46 16.50
CA LEU A 9 -9.55 -10.06 15.43
C LEU A 9 -10.17 -11.37 15.93
N ARG A 10 -11.20 -11.83 15.23
CA ARG A 10 -11.89 -13.06 15.63
C ARG A 10 -11.08 -14.28 15.17
N ASN A 11 -11.06 -15.33 15.98
CA ASN A 11 -10.39 -16.57 15.58
C ASN A 11 -11.34 -17.39 14.69
N SER A 12 -10.98 -18.65 14.41
CA SER A 12 -11.74 -19.50 13.45
C SER A 12 -13.09 -19.92 14.04
N LYS A 13 -13.19 -19.83 15.37
CA LYS A 13 -14.45 -20.08 16.07
C LYS A 13 -15.29 -18.81 16.24
N LYS A 14 -14.85 -17.71 15.58
CA LYS A 14 -15.49 -16.38 15.62
C LYS A 14 -15.40 -15.69 17.01
N GLU A 15 -14.45 -16.16 17.81
CA GLU A 15 -14.16 -15.58 19.12
C GLU A 15 -13.18 -14.42 19.06
N LEU A 16 -13.56 -13.31 19.68
CA LEU A 16 -12.67 -12.15 19.72
C LEU A 16 -11.40 -12.39 20.55
N ASN A 17 -10.25 -12.10 19.95
CA ASN A 17 -8.98 -12.20 20.67
C ASN A 17 -8.11 -10.98 20.46
N ASP A 18 -7.31 -10.67 21.49
CA ASP A 18 -6.34 -9.58 21.45
C ASP A 18 -4.93 -10.21 21.41
N ILE A 19 -4.25 -10.04 20.27
CA ILE A 19 -2.92 -10.62 20.11
C ILE A 19 -1.87 -9.55 20.43
N ARG A 20 -1.12 -9.77 21.49
CA ARG A 20 -0.10 -8.80 21.94
C ARG A 20 1.26 -9.09 21.25
N PHE A 21 1.95 -8.03 20.81
CA PHE A 21 3.29 -8.21 20.22
C PHE A 21 4.04 -6.89 20.16
N GLU A 22 5.37 -6.98 20.17
CA GLU A 22 6.23 -5.80 20.08
C GLU A 22 6.69 -5.63 18.65
N PHE A 23 6.91 -4.38 18.27
CA PHE A 23 7.49 -4.02 16.97
C PHE A 23 8.63 -3.04 17.25
N THR A 24 9.83 -3.36 16.77
CA THR A 24 10.98 -2.47 16.95
C THR A 24 11.40 -1.73 15.66
N PRO A 25 11.05 -0.42 15.54
CA PRO A 25 11.46 0.35 14.34
C PRO A 25 12.98 0.29 14.15
N GLY A 26 13.41 0.20 12.88
CA GLY A 26 14.82 -0.02 12.57
C GLY A 26 15.22 -1.50 12.46
N ARG A 27 14.58 -2.37 13.22
CA ARG A 27 14.85 -3.80 13.16
C ARG A 27 13.79 -4.59 12.42
N ASP A 28 12.52 -4.29 12.70
CA ASP A 28 11.38 -5.02 12.12
C ASP A 28 10.79 -4.25 10.96
N THR A 29 10.14 -4.96 10.03
CA THR A 29 9.35 -4.29 8.98
C THR A 29 7.89 -4.69 9.08
N ALA A 30 7.03 -3.85 8.53
CA ALA A 30 5.62 -4.18 8.52
C ALA A 30 5.38 -5.48 7.72
N GLU A 31 6.01 -5.61 6.54
CA GLU A 31 5.84 -6.86 5.74
C GLU A 31 6.32 -8.09 6.52
N GLY A 32 7.45 -7.96 7.20
CA GLY A 32 8.09 -9.08 7.88
C GLY A 32 7.22 -9.57 9.00
N VAL A 33 6.76 -8.61 9.81
CA VAL A 33 5.92 -8.97 10.96
C VAL A 33 4.55 -9.53 10.50
N SER A 34 3.99 -8.98 9.42
CA SER A 34 2.74 -9.51 8.85
C SER A 34 2.91 -10.97 8.42
N GLN A 35 4.05 -11.25 7.80
CA GLN A 35 4.38 -12.63 7.40
C GLN A 35 4.49 -13.55 8.61
N GLU A 36 5.10 -13.04 9.69
CA GLU A 36 5.15 -13.77 10.95
C GLU A 36 3.75 -14.09 11.47
N LEU A 37 2.84 -13.13 11.39
CA LEU A 37 1.47 -13.37 11.86
C LEU A 37 0.82 -14.52 11.08
N ILE A 38 1.05 -14.53 9.77
CA ILE A 38 0.50 -15.54 8.84
C ILE A 38 1.12 -16.91 9.07
N SER A 39 2.44 -16.96 9.15
CA SER A 39 3.15 -18.21 9.43
C SER A 39 2.77 -18.82 10.79
N ALA A 40 2.38 -17.96 11.75
CA ALA A 40 1.91 -18.40 13.07
C ALA A 40 0.47 -18.90 13.06
N GLY A 41 -0.19 -18.76 11.90
CA GLY A 41 -1.60 -19.12 11.76
C GLY A 41 -2.56 -18.19 12.47
N LEU A 42 -2.12 -16.95 12.73
CA LEU A 42 -2.94 -15.95 13.43
C LEU A 42 -3.70 -15.05 12.45
N VAL A 43 -3.15 -14.90 11.26
CA VAL A 43 -3.75 -14.09 10.20
C VAL A 43 -3.81 -14.93 8.92
N ASP A 44 -4.91 -14.77 8.16
CA ASP A 44 -5.10 -15.48 6.89
C ASP A 44 -4.11 -14.93 5.86
N GLY A 45 -3.50 -15.83 5.06
CA GLY A 45 -2.54 -15.39 4.04
C GLY A 45 -3.05 -14.36 3.03
N ARG A 46 -4.37 -14.36 2.78
CA ARG A 46 -5.00 -13.39 1.86
C ARG A 46 -4.91 -11.95 2.38
N ASP A 47 -4.69 -11.83 3.68
CA ASP A 47 -4.66 -10.53 4.37
C ASP A 47 -3.27 -9.88 4.50
N LEU A 48 -2.26 -10.51 3.90
CA LEU A 48 -0.88 -9.97 3.99
C LEU A 48 -0.78 -8.47 3.67
N VAL A 49 -1.26 -8.10 2.50
CA VAL A 49 -1.14 -6.75 2.00
C VAL A 49 -1.86 -5.71 2.89
N ILE A 50 -3.12 -5.98 3.26
CA ILE A 50 -3.87 -5.02 4.06
C ILE A 50 -3.29 -4.92 5.50
N VAL A 51 -2.88 -6.05 6.07
CA VAL A 51 -2.31 -6.00 7.42
C VAL A 51 -0.97 -5.26 7.41
N ALA A 52 -0.11 -5.58 6.43
CA ALA A 52 1.16 -4.85 6.27
C ALA A 52 0.95 -3.35 6.10
N ALA A 53 -0.02 -2.95 5.28
CA ALA A 53 -0.29 -1.52 5.06
C ALA A 53 -0.70 -0.81 6.38
N ASN A 54 -1.60 -1.45 7.11
CA ASN A 54 -2.09 -0.89 8.38
C ASN A 54 -1.07 -0.94 9.49
N LEU A 55 -0.23 -1.98 9.49
CA LEU A 55 0.88 -2.03 10.44
C LEU A 55 1.87 -0.88 10.19
N GLN A 56 2.18 -0.65 8.91
CA GLN A 56 3.06 0.46 8.56
C GLN A 56 2.46 1.80 9.05
N LYS A 57 1.16 1.98 8.86
CA LYS A 57 0.47 3.19 9.27
C LYS A 57 0.61 3.47 10.77
N ILE A 58 0.36 2.45 11.56
CA ILE A 58 0.39 2.61 13.01
C ILE A 58 1.84 2.78 13.53
N VAL A 59 2.79 2.07 12.93
CA VAL A 59 4.18 2.17 13.40
C VAL A 59 4.92 3.48 13.03
N GLU A 60 4.57 4.11 11.91
CA GLU A 60 5.28 5.31 11.46
C GLU A 60 4.93 6.54 12.29
N GLU A 61 3.69 6.62 12.73
CA GLU A 61 3.24 7.64 13.68
C GLU A 61 2.39 6.99 14.79
N PRO A 62 3.04 6.34 15.78
CA PRO A 62 2.34 5.71 16.91
C PRO A 62 1.80 6.75 17.90
N GLN A 63 2.21 8.01 17.69
CA GLN A 63 1.70 9.16 18.44
C GLN A 63 0.37 9.64 17.89
N SER A 64 0.24 9.70 16.56
CA SER A 64 -1.03 10.03 15.93
C SER A 64 -1.95 8.81 16.04
N ASN A 65 -1.61 7.76 15.27
CA ASN A 65 -2.43 6.56 15.10
C ASN A 65 -2.46 5.64 16.32
N ARG A 66 -3.41 5.88 17.21
CA ARG A 66 -3.58 5.02 18.39
C ARG A 66 -4.32 3.71 18.03
N SER A 67 -5.15 3.77 16.97
CA SER A 67 -5.95 2.62 16.55
C SER A 67 -6.25 2.73 15.05
N VAL A 68 -6.12 1.62 14.35
CA VAL A 68 -6.56 1.53 12.97
C VAL A 68 -7.45 0.28 12.77
N THR A 69 -8.61 0.45 12.15
CA THR A 69 -9.51 -0.66 11.89
C THR A 69 -9.60 -0.82 10.37
N PHE A 70 -9.49 -2.05 9.89
CA PHE A 70 -9.36 -2.29 8.45
C PHE A 70 -10.03 -3.59 8.04
N LYS A 71 -10.48 -3.60 6.79
CA LYS A 71 -11.06 -4.78 6.18
C LYS A 71 -10.07 -5.93 6.06
N LEU A 72 -10.62 -7.13 6.17
CA LEU A 72 -9.91 -8.37 5.82
C LEU A 72 -10.31 -8.84 4.43
N ALA A 73 -9.33 -8.97 3.54
CA ALA A 73 -9.57 -9.65 2.25
C ALA A 73 -10.25 -11.03 2.41
N SER A 74 -9.81 -11.78 3.42
CA SER A 74 -10.38 -13.10 3.73
C SER A 74 -11.86 -13.08 4.13
N GLY A 75 -12.35 -11.95 4.63
CA GLY A 75 -13.75 -11.87 5.08
C GLY A 75 -14.74 -11.27 4.09
N VAL A 76 -14.26 -10.92 2.89
CA VAL A 76 -15.08 -10.20 1.92
C VAL A 76 -16.44 -10.86 1.56
N GLU A 77 -16.43 -12.17 1.36
CA GLU A 77 -17.67 -12.91 1.09
C GLU A 77 -17.98 -14.10 1.99
N GLY A 78 -17.19 -14.28 3.05
CA GLY A 78 -17.12 -15.56 3.76
C GLY A 78 -18.26 -15.90 4.74
N SER A 79 -19.49 -15.97 4.23
CA SER A 79 -20.63 -16.54 4.97
C SER A 79 -21.29 -15.58 5.96
N ASP A 80 -20.47 -14.73 6.58
CA ASP A 80 -20.95 -13.64 7.43
C ASP A 80 -20.68 -12.30 6.77
N ILE A 81 -21.66 -11.41 6.78
CA ILE A 81 -21.49 -10.11 6.15
C ILE A 81 -20.51 -9.28 6.98
N PRO A 82 -19.52 -8.64 6.31
CA PRO A 82 -18.58 -7.78 7.04
C PRO A 82 -19.28 -6.72 7.88
N ASP A 83 -18.74 -6.51 9.08
CA ASP A 83 -19.29 -5.55 10.02
C ASP A 83 -18.15 -5.01 10.86
N ASP A 84 -17.79 -3.75 10.63
CA ASP A 84 -16.64 -3.17 11.33
C ASP A 84 -16.87 -3.01 12.84
N GLY A 85 -18.11 -2.62 13.23
CA GLY A 85 -18.63 -2.62 14.65
C GLY A 85 -18.02 -3.79 15.39
N LYS A 86 -18.07 -4.98 14.81
CA LYS A 86 -18.47 -6.22 15.46
C LYS A 86 -17.11 -6.95 15.17
N LEU A 87 -16.23 -6.26 14.43
CA LEU A 87 -14.99 -6.86 13.89
C LEU A 87 -15.26 -8.25 13.25
N ILE A 88 -16.21 -8.24 12.31
CA ILE A 88 -16.47 -9.41 11.46
C ILE A 88 -15.97 -9.05 10.07
N GLY A 89 -14.96 -9.78 9.55
CA GLY A 89 -14.39 -9.36 8.26
C GLY A 89 -13.55 -8.09 8.36
N PHE A 90 -13.28 -7.65 9.58
CA PHE A 90 -12.38 -6.52 9.89
C PHE A 90 -11.49 -6.93 11.05
N ALA A 91 -10.34 -6.26 11.15
CA ALA A 91 -9.46 -6.40 12.31
C ALA A 91 -9.03 -5.02 12.76
N GLN A 92 -8.40 -4.96 13.92
CA GLN A 92 -7.98 -3.68 14.46
C GLN A 92 -6.60 -3.77 15.09
N LEU A 93 -5.73 -2.83 14.73
CA LEU A 93 -4.40 -2.75 15.30
C LEU A 93 -4.42 -1.51 16.18
N SER A 94 -3.84 -1.63 17.38
CA SER A 94 -3.85 -0.53 18.31
C SER A 94 -2.59 -0.52 19.16
N ILE A 95 -2.30 0.65 19.72
CA ILE A 95 -1.17 0.81 20.64
C ILE A 95 -1.68 0.30 22.00
N SER A 96 -0.87 -0.50 22.70
CA SER A 96 -1.24 -1.05 24.00
C SER A 96 -1.55 0.07 25.00
N GLY B 1 17.27 8.76 -23.96
CA GLY B 1 15.97 9.02 -24.62
C GLY B 1 16.03 9.75 -25.94
N PRO B 2 14.89 10.34 -26.35
CA PRO B 2 13.62 10.39 -25.58
C PRO B 2 13.01 9.01 -25.31
N ILE B 3 12.63 8.79 -24.04
CA ILE B 3 12.12 7.53 -23.53
C ILE B 3 10.60 7.67 -23.52
N SER B 4 9.90 6.65 -24.00
CA SER B 4 8.43 6.68 -24.03
C SER B 4 7.98 5.89 -22.80
N LEU B 5 7.33 6.59 -21.88
CA LEU B 5 6.84 5.98 -20.60
C LEU B 5 5.32 5.89 -20.54
N VAL B 6 4.82 4.93 -19.79
CA VAL B 6 3.41 4.88 -19.50
C VAL B 6 3.27 4.63 -18.00
N LEU B 7 2.55 5.52 -17.33
CA LEU B 7 2.15 5.38 -15.91
C LEU B 7 0.70 4.95 -15.91
N ARG B 8 0.43 3.81 -15.29
CA ARG B 8 -0.86 3.20 -15.28
C ARG B 8 -1.36 3.12 -13.83
N LEU B 9 -2.53 3.72 -13.60
CA LEU B 9 -3.10 3.75 -12.27
C LEU B 9 -4.55 4.15 -12.38
N ARG B 10 -5.25 4.00 -11.28
CA ARG B 10 -6.67 4.37 -11.24
C ARG B 10 -6.88 5.83 -10.85
N ASN B 11 -7.77 6.49 -11.60
CA ASN B 11 -8.11 7.86 -11.22
C ASN B 11 -9.03 7.85 -9.96
N SER B 12 -9.46 9.03 -9.52
CA SER B 12 -10.25 9.16 -8.29
C SER B 12 -11.61 8.46 -8.42
N LYS B 13 -12.11 8.38 -9.65
CA LYS B 13 -13.33 7.67 -9.96
C LYS B 13 -13.14 6.14 -9.99
N LYS B 14 -11.88 5.70 -9.86
CA LYS B 14 -11.47 4.27 -9.82
C LYS B 14 -11.28 3.68 -11.19
N GLU B 15 -11.37 4.51 -12.22
CA GLU B 15 -11.11 4.07 -13.59
C GLU B 15 -9.63 3.87 -13.87
N LEU B 16 -9.28 2.76 -14.51
CA LEU B 16 -7.90 2.53 -14.89
C LEU B 16 -7.50 3.40 -16.10
N ASN B 17 -6.39 4.11 -15.94
CA ASN B 17 -5.87 4.98 -17.01
C ASN B 17 -4.44 4.64 -17.35
N ASP B 18 -4.08 4.85 -18.62
CA ASP B 18 -2.68 4.88 -19.07
C ASP B 18 -2.35 6.32 -19.32
N ILE B 19 -1.26 6.79 -18.72
CA ILE B 19 -0.80 8.15 -18.85
C ILE B 19 0.53 8.08 -19.57
N ARG B 20 0.54 8.55 -20.81
CA ARG B 20 1.67 8.38 -21.72
C ARG B 20 2.40 9.68 -21.84
N PHE B 21 3.73 9.60 -21.80
CA PHE B 21 4.56 10.80 -21.91
C PHE B 21 5.98 10.45 -22.29
N GLU B 22 6.67 11.42 -22.89
CA GLU B 22 8.08 11.21 -23.18
C GLU B 22 8.94 11.84 -22.09
N PHE B 23 10.03 11.15 -21.77
CA PHE B 23 11.02 11.66 -20.83
C PHE B 23 12.37 11.74 -21.58
N THR B 24 12.95 12.93 -21.60
CA THR B 24 14.21 13.15 -22.31
C THR B 24 15.34 13.38 -21.31
N PRO B 25 16.22 12.38 -21.13
CA PRO B 25 17.39 12.54 -20.29
C PRO B 25 18.21 13.74 -20.73
N GLY B 26 18.74 14.45 -19.75
CA GLY B 26 19.42 15.70 -19.98
C GLY B 26 18.52 16.92 -19.93
N ARG B 27 17.23 16.75 -20.26
CA ARG B 27 16.27 17.89 -20.25
C ARG B 27 15.33 17.80 -19.06
N ASP B 28 14.81 16.60 -18.85
CA ASP B 28 13.85 16.35 -17.80
C ASP B 28 14.50 15.75 -16.55
N THR B 29 13.85 15.96 -15.41
CA THR B 29 14.26 15.32 -14.16
C THR B 29 13.08 14.53 -13.60
N ALA B 30 13.42 13.50 -12.83
CA ALA B 30 12.41 12.67 -12.18
C ALA B 30 11.55 13.54 -11.25
N GLU B 31 12.21 14.39 -10.46
CA GLU B 31 11.50 15.32 -9.57
C GLU B 31 10.56 16.24 -10.36
N GLY B 32 11.10 16.87 -11.41
CA GLY B 32 10.35 17.83 -12.23
C GLY B 32 9.12 17.16 -12.82
N VAL B 33 9.33 15.98 -13.39
CA VAL B 33 8.23 15.29 -14.06
C VAL B 33 7.17 14.80 -13.05
N SER B 34 7.63 14.37 -11.86
CA SER B 34 6.70 13.98 -10.79
C SER B 34 5.86 15.20 -10.38
N GLN B 35 6.51 16.36 -10.26
CA GLN B 35 5.77 17.60 -9.96
C GLN B 35 4.77 17.95 -11.05
N GLU B 36 5.17 17.75 -12.32
CA GLU B 36 4.24 17.89 -13.45
C GLU B 36 2.99 17.04 -13.28
N LEU B 37 3.18 15.75 -12.97
CA LEU B 37 2.04 14.83 -12.77
C LEU B 37 1.11 15.34 -11.64
N ILE B 38 1.70 15.84 -10.57
CA ILE B 38 0.94 16.32 -9.42
C ILE B 38 0.15 17.57 -9.78
N SER B 39 0.84 18.53 -10.40
CA SER B 39 0.17 19.74 -10.93
C SER B 39 -1.00 19.42 -11.88
N ALA B 40 -0.82 18.41 -12.73
CA ALA B 40 -1.87 17.96 -13.68
C ALA B 40 -3.02 17.20 -13.00
N GLY B 41 -2.89 16.98 -11.69
CA GLY B 41 -3.87 16.20 -10.93
C GLY B 41 -3.98 14.71 -11.31
N LEU B 42 -2.88 14.16 -11.84
CA LEU B 42 -2.82 12.74 -12.22
C LEU B 42 -2.21 11.86 -11.12
N VAL B 43 -1.46 12.50 -10.22
CA VAL B 43 -0.81 11.84 -9.07
C VAL B 43 -1.06 12.69 -7.82
N ASP B 44 -1.33 12.01 -6.70
CA ASP B 44 -1.48 12.58 -5.33
C ASP B 44 -0.15 13.23 -4.93
N GLY B 45 -0.19 14.46 -4.39
CA GLY B 45 1.05 15.10 -3.90
C GLY B 45 1.80 14.31 -2.83
N ARG B 46 1.06 13.50 -2.07
CA ARG B 46 1.69 12.65 -1.07
C ARG B 46 2.64 11.62 -1.69
N ASP B 47 2.49 11.37 -3.00
CA ASP B 47 3.30 10.36 -3.67
C ASP B 47 4.48 10.94 -4.44
N LEU B 48 4.77 12.22 -4.19
CA LEU B 48 5.92 12.90 -4.86
C LEU B 48 7.21 12.07 -4.83
N VAL B 49 7.61 11.64 -3.63
CA VAL B 49 8.93 11.01 -3.44
C VAL B 49 8.97 9.63 -4.12
N ILE B 50 7.94 8.82 -3.88
CA ILE B 50 7.92 7.47 -4.45
C ILE B 50 7.78 7.48 -5.99
N VAL B 51 6.99 8.42 -6.50
CA VAL B 51 6.89 8.59 -7.96
C VAL B 51 8.25 9.00 -8.55
N ALA B 52 8.85 10.07 -8.01
CA ALA B 52 10.18 10.53 -8.43
C ALA B 52 11.23 9.39 -8.36
N ALA B 53 11.24 8.63 -7.25
CA ALA B 53 12.21 7.52 -7.10
C ALA B 53 12.05 6.46 -8.19
N ASN B 54 10.80 6.17 -8.53
CA ASN B 54 10.53 5.12 -9.51
C ASN B 54 10.79 5.59 -10.94
N LEU B 55 10.53 6.85 -11.18
CA LEU B 55 10.82 7.45 -12.49
C LEU B 55 12.34 7.43 -12.73
N GLN B 56 13.09 7.76 -11.69
CA GLN B 56 14.55 7.68 -11.74
C GLN B 56 15.03 6.25 -12.06
N LYS B 57 14.48 5.28 -11.34
CA LYS B 57 14.79 3.86 -11.52
C LYS B 57 14.57 3.44 -12.99
N ILE B 58 13.44 3.84 -13.55
CA ILE B 58 13.07 3.51 -14.93
C ILE B 58 14.04 4.14 -15.94
N VAL B 59 14.43 5.37 -15.65
CA VAL B 59 15.21 6.21 -16.56
C VAL B 59 16.67 5.77 -16.64
N GLU B 60 17.20 5.29 -15.52
CA GLU B 60 18.62 4.94 -15.46
C GLU B 60 18.92 3.52 -15.95
N GLU B 61 17.86 2.74 -16.21
CA GLU B 61 17.95 1.44 -16.87
C GLU B 61 16.78 1.37 -17.87
N PRO B 62 16.89 2.12 -18.98
CA PRO B 62 15.71 2.47 -19.80
C PRO B 62 15.34 1.51 -20.94
N GLN B 63 15.64 0.22 -20.78
CA GLN B 63 15.37 -0.76 -21.82
C GLN B 63 13.88 -1.01 -21.97
N SER B 64 13.42 -1.21 -23.20
CA SER B 64 12.00 -1.47 -23.45
C SER B 64 11.48 -2.72 -22.71
N ASN B 65 10.16 -2.77 -22.52
CA ASN B 65 9.49 -3.79 -21.68
C ASN B 65 9.71 -3.66 -20.15
N ARG B 66 10.74 -2.92 -19.74
CA ARG B 66 11.00 -2.70 -18.32
C ARG B 66 9.79 -2.08 -17.62
N SER B 67 9.52 -2.53 -16.40
CA SER B 67 8.37 -2.04 -15.65
C SER B 67 8.68 -2.06 -14.16
N VAL B 68 8.06 -1.15 -13.41
CA VAL B 68 8.17 -1.14 -11.94
C VAL B 68 6.77 -0.88 -11.39
N THR B 69 6.46 -1.49 -10.24
CA THR B 69 5.19 -1.23 -9.57
C THR B 69 5.50 -0.71 -8.17
N PHE B 70 4.74 0.28 -7.73
CA PHE B 70 4.96 0.85 -6.41
C PHE B 70 3.67 1.22 -5.70
N LYS B 71 3.75 1.35 -4.37
CA LYS B 71 2.59 1.66 -3.53
C LYS B 71 2.21 3.14 -3.59
N LEU B 72 0.91 3.41 -3.43
CA LEU B 72 0.38 4.75 -3.34
C LEU B 72 -0.11 5.05 -1.91
N ALA B 73 0.11 6.29 -1.45
CA ALA B 73 -0.31 6.69 -0.10
C ALA B 73 -1.77 6.41 0.23
N SER B 74 -2.62 6.57 -0.78
CA SER B 74 -4.08 6.36 -0.66
C SER B 74 -4.47 4.90 -0.34
N GLY B 75 -3.55 3.96 -0.61
CA GLY B 75 -3.89 2.53 -0.51
C GLY B 75 -4.49 2.17 0.84
N VAL B 76 -3.81 2.58 1.91
CA VAL B 76 -4.22 2.23 3.28
C VAL B 76 -5.40 3.11 3.76
N GLU B 77 -5.66 4.18 3.03
CA GLU B 77 -6.62 5.19 3.50
C GLU B 77 -8.02 4.95 2.99
N GLY B 78 -8.13 4.45 1.75
CA GLY B 78 -9.42 4.21 1.12
C GLY B 78 -10.18 2.98 1.62
N SER B 79 -11.41 2.85 1.15
CA SER B 79 -12.27 1.73 1.51
C SER B 79 -11.91 0.45 0.75
N ASP B 80 -11.50 0.59 -0.51
CA ASP B 80 -11.11 -0.58 -1.31
C ASP B 80 -9.84 -1.21 -0.71
N ILE B 81 -9.79 -2.55 -0.69
CA ILE B 81 -8.60 -3.26 -0.22
C ILE B 81 -7.48 -3.12 -1.27
N PRO B 82 -6.28 -2.66 -0.86
CA PRO B 82 -5.20 -2.53 -1.83
C PRO B 82 -4.82 -3.91 -2.40
N ASP B 83 -4.44 -3.93 -3.67
CA ASP B 83 -4.17 -5.18 -4.40
C ASP B 83 -3.34 -4.81 -5.62
N ASP B 84 -2.20 -5.50 -5.77
CA ASP B 84 -1.20 -5.15 -6.79
C ASP B 84 -1.78 -5.41 -8.17
N GLY B 85 -2.36 -6.58 -8.35
CA GLY B 85 -2.72 -6.92 -9.70
C GLY B 85 -4.07 -6.46 -10.24
N LYS B 86 -5.04 -6.08 -9.41
CA LYS B 86 -5.88 -4.84 -9.49
C LYS B 86 -5.46 -3.37 -9.63
N LEU B 87 -4.20 -3.07 -9.33
CA LEU B 87 -3.75 -1.69 -9.28
C LEU B 87 -4.71 -0.85 -8.42
N ILE B 88 -5.03 -1.37 -7.24
CA ILE B 88 -5.73 -0.59 -6.22
C ILE B 88 -4.68 -0.28 -5.16
N GLY B 89 -4.37 1.00 -4.99
CA GLY B 89 -3.30 1.39 -4.08
C GLY B 89 -1.89 1.15 -4.57
N PHE B 90 -1.75 0.85 -5.87
CA PHE B 90 -0.46 0.67 -6.50
C PHE B 90 -0.51 1.34 -7.87
N ALA B 91 0.65 1.78 -8.36
CA ALA B 91 0.76 2.27 -9.75
C ALA B 91 1.84 1.47 -10.48
N GLN B 92 1.71 1.38 -11.80
CA GLN B 92 2.69 0.66 -12.62
C GLN B 92 3.32 1.63 -13.62
N LEU B 93 4.65 1.67 -13.69
CA LEU B 93 5.37 2.56 -14.62
C LEU B 93 6.24 1.70 -15.55
N SER B 94 6.06 1.88 -16.87
CA SER B 94 6.67 1.00 -17.86
C SER B 94 7.25 1.81 -19.01
N ILE B 95 8.29 1.28 -19.66
CA ILE B 95 8.80 1.83 -20.91
C ILE B 95 8.03 1.16 -22.07
N SER B 96 7.45 1.95 -22.95
CA SER B 96 6.83 1.41 -24.17
C SER B 96 7.91 0.71 -25.00
N GLY C 1 -0.94 19.31 -21.59
CA GLY C 1 0.51 19.36 -21.30
C GLY C 1 1.26 18.21 -21.95
N ARG C 2 2.21 17.63 -21.22
CA ARG C 2 3.01 16.55 -21.80
C ARG C 2 2.32 15.18 -21.73
N PHE C 3 1.23 15.09 -20.97
CA PHE C 3 0.59 13.82 -20.68
C PHE C 3 -0.62 13.60 -21.54
N GLN C 4 -0.73 12.38 -22.08
CA GLN C 4 -1.92 11.91 -22.79
C GLN C 4 -2.60 10.81 -21.97
N VAL C 5 -3.81 11.12 -21.50
CA VAL C 5 -4.69 10.18 -20.79
C VAL C 5 -5.92 10.06 -21.73
N THR C 6 -6.39 8.86 -22.11
CA THR C 6 -5.94 7.54 -21.68
C THR C 6 -5.82 6.66 -22.93
N GLY D 1 7.43 -16.86 19.54
CA GLY D 1 7.84 -16.00 20.69
C GLY D 1 7.33 -14.58 20.55
N ARG D 2 7.20 -14.12 19.31
CA ARG D 2 6.74 -12.77 19.01
C ARG D 2 5.36 -12.47 19.62
N PHE D 3 4.43 -13.43 19.51
CA PHE D 3 3.01 -13.17 19.78
C PHE D 3 2.46 -13.87 21.01
N GLN D 4 1.54 -13.19 21.69
CA GLN D 4 0.83 -13.75 22.84
C GLN D 4 -0.67 -13.42 22.73
N VAL D 5 -1.46 -14.48 22.56
CA VAL D 5 -2.82 -14.39 22.04
C VAL D 5 -3.83 -13.95 23.10
#